data_1V5E
#
_entry.id   1V5E
#
_cell.length_a   77.660
_cell.length_b   106.120
_cell.length_c   155.300
_cell.angle_alpha   90.00
_cell.angle_beta   90.00
_cell.angle_gamma   90.00
#
_symmetry.space_group_name_H-M   'I 2 2 2'
#
loop_
_entity.id
_entity.type
_entity.pdbx_description
1 polymer 'Pyruvate oxidase'
2 non-polymer 'SULFATE ION'
3 non-polymer 'FLAVIN-ADENINE DINUCLEOTIDE'
4 water water
#
_entity_poly.entity_id   1
_entity_poly.type   'polypeptide(L)'
_entity_poly.pdbx_seq_one_letter_code
;DNKINIGLAVMKILESWGADTIYGIPSGTLSSLMDAMGEEENNVKFLQVKHEEVGAMAAVMQSKFGGNLGVTVGSGGPGA
SHLINGLYDAAMDNIPVVAILGSRPQRELNMDAFQELNQNPMYDHIAVYNRRVAYAEQLPKLVDEAARMAIAKRGVAVLE
VPGDFAKVEIDNDQWYSSANSLRKYAPIAPAAQDIDAAVELLNNSKRPVIYAGIGTMGHGPAVQELARKIKAPVITTGKN
FETFEWDFEALTGSTYRVGWKPANETILEADTVLFAGSNFPFSEVEGTFRNVDNFIQIDIDPAMLGKRHHADVAILGDAA
LAIDEILNKVDAVEESAWWTANLKNIANWREYINMLETKEEGDLQFYQVYNAINNHADEDAIYSIDVGNSTQTSIRHLHM
TPKNMWRTSPLFATMGIAIPGGLGAKNTYPDRQVWNIIGDGAFSMTYPDVVTNVRYNMPVINVVFSNTEYAFIKNKYEDT
NKNLFGVDFTDVDYAKIAEAQGAKGFTVSRIEDMDRVMAEAVAANKAGHTVVIDCKITQDRPIPVETLKLDSKLYSEDEI
KAYKERYEAANLVPFREYLEAEGLESKYIK
;
_entity_poly.pdbx_strand_id   A
#
loop_
_chem_comp.id
_chem_comp.type
_chem_comp.name
_chem_comp.formula
FAD non-polymer 'FLAVIN-ADENINE DINUCLEOTIDE' 'C27 H33 N9 O15 P2'
SO4 non-polymer 'SULFATE ION' 'O4 S -2'
#
# COMPACT_ATOMS: atom_id res chain seq x y z
N ASP A 1 42.03 2.11 20.65
CA ASP A 1 41.28 0.92 20.17
C ASP A 1 41.72 -0.33 20.91
N ASN A 2 40.90 -1.38 20.83
CA ASN A 2 41.20 -2.64 21.50
C ASN A 2 40.25 -3.74 21.01
N LYS A 3 39.28 -4.11 21.84
CA LYS A 3 38.34 -5.16 21.48
C LYS A 3 36.89 -4.66 21.50
N ILE A 4 36.01 -5.42 20.84
CA ILE A 4 34.61 -5.07 20.81
C ILE A 4 33.75 -6.32 20.68
N ASN A 5 32.59 -6.31 21.32
CA ASN A 5 31.67 -7.43 21.28
C ASN A 5 31.05 -7.47 19.87
N ILE A 6 30.97 -8.66 19.29
CA ILE A 6 30.40 -8.79 17.95
C ILE A 6 28.98 -8.25 17.86
N GLY A 7 28.20 -8.49 18.90
CA GLY A 7 26.84 -8.00 18.90
C GLY A 7 26.80 -6.49 18.82
N LEU A 8 27.71 -5.84 19.55
CA LEU A 8 27.77 -4.38 19.54
C LEU A 8 28.23 -3.88 18.18
N ALA A 9 29.17 -4.59 17.57
CA ALA A 9 29.67 -4.20 16.25
C ALA A 9 28.49 -4.22 15.29
N VAL A 10 27.65 -5.24 15.42
CA VAL A 10 26.47 -5.37 14.58
C VAL A 10 25.54 -4.19 14.75
N MET A 11 25.33 -3.77 16.00
CA MET A 11 24.45 -2.64 16.27
C MET A 11 25.03 -1.34 15.73
N LYS A 12 26.36 -1.20 15.78
CA LYS A 12 27.00 0.00 15.27
C LYS A 12 26.79 0.06 13.76
N ILE A 13 26.91 -1.09 13.10
CA ILE A 13 26.71 -1.18 11.67
C ILE A 13 25.26 -0.83 11.31
N LEU A 14 24.31 -1.42 12.03
CA LEU A 14 22.90 -1.12 11.77
C LEU A 14 22.61 0.37 11.91
N GLU A 15 23.13 0.98 12.97
CA GLU A 15 22.91 2.41 13.17
C GLU A 15 23.52 3.26 12.05
N SER A 16 24.67 2.84 11.54
CA SER A 16 25.32 3.59 10.46
C SER A 16 24.47 3.58 9.20
N TRP A 17 23.69 2.51 9.03
CA TRP A 17 22.81 2.38 7.88
C TRP A 17 21.45 3.03 8.11
N GLY A 18 21.28 3.60 9.30
CA GLY A 18 20.01 4.25 9.62
C GLY A 18 18.97 3.31 10.18
N ALA A 19 19.33 2.03 10.31
CA ALA A 19 18.43 1.02 10.83
C ALA A 19 18.44 1.07 12.35
N ASP A 20 17.74 2.07 12.89
CA ASP A 20 17.69 2.28 14.33
C ASP A 20 16.55 1.62 15.09
N THR A 21 15.74 0.83 14.39
CA THR A 21 14.63 0.14 15.03
C THR A 21 14.57 -1.32 14.60
N ILE A 22 14.59 -2.22 15.58
CA ILE A 22 14.50 -3.65 15.32
C ILE A 22 13.16 -4.11 15.88
N TYR A 23 12.38 -4.80 15.04
CA TYR A 23 11.07 -5.29 15.44
C TYR A 23 11.11 -6.80 15.67
N GLY A 24 10.46 -7.27 16.74
CA GLY A 24 10.45 -8.69 16.98
C GLY A 24 10.05 -9.07 18.39
N ILE A 25 10.43 -10.27 18.79
CA ILE A 25 10.15 -10.80 20.12
C ILE A 25 11.43 -11.41 20.66
N PRO A 26 11.80 -11.08 21.90
CA PRO A 26 13.02 -11.61 22.51
C PRO A 26 12.97 -13.13 22.68
N SER A 27 14.12 -13.77 22.54
CA SER A 27 14.22 -15.22 22.69
C SER A 27 15.68 -15.61 22.93
N GLY A 28 15.89 -16.83 23.41
CA GLY A 28 17.23 -17.30 23.68
C GLY A 28 18.14 -17.33 22.46
N THR A 29 17.57 -17.61 21.29
CA THR A 29 18.35 -17.67 20.06
C THR A 29 18.64 -16.29 19.49
N LEU A 30 18.20 -15.25 20.18
CA LEU A 30 18.42 -13.87 19.73
C LEU A 30 18.99 -13.00 20.84
N SER A 31 19.01 -13.52 22.06
CA SER A 31 19.50 -12.77 23.22
C SER A 31 20.90 -12.15 23.11
N SER A 32 21.87 -12.92 22.62
CA SER A 32 23.23 -12.39 22.50
C SER A 32 23.28 -11.12 21.67
N LEU A 33 22.49 -11.07 20.62
CA LEU A 33 22.44 -9.90 19.76
C LEU A 33 21.75 -8.72 20.45
N MET A 34 20.53 -8.96 20.92
CA MET A 34 19.75 -7.93 21.59
C MET A 34 20.42 -7.35 22.82
N ASP A 35 21.22 -8.16 23.50
CA ASP A 35 21.93 -7.71 24.70
C ASP A 35 22.89 -6.57 24.42
N ALA A 36 23.32 -6.47 23.17
CA ALA A 36 24.25 -5.41 22.77
C ALA A 36 23.54 -4.10 22.47
N MET A 37 22.23 -4.18 22.28
CA MET A 37 21.45 -2.98 21.98
C MET A 37 21.58 -1.93 23.07
N GLY A 38 21.87 -0.70 22.66
CA GLY A 38 22.05 0.37 23.62
C GLY A 38 23.46 0.30 24.15
N GLU A 39 23.81 1.16 25.09
CA GLU A 39 25.16 1.17 25.65
C GLU A 39 26.16 1.53 24.57
N GLU A 40 27.33 2.01 24.99
CA GLU A 40 28.35 2.43 24.03
C GLU A 40 27.71 3.52 23.18
N GLU A 41 26.65 4.11 23.74
CA GLU A 41 25.91 5.19 23.11
C GLU A 41 25.20 4.79 21.83
N ASN A 42 24.98 3.49 21.65
CA ASN A 42 24.29 3.00 20.46
C ASN A 42 22.84 3.46 20.51
N ASN A 43 22.28 3.81 19.36
CA ASN A 43 20.90 4.31 19.31
C ASN A 43 19.87 3.34 18.75
N VAL A 44 20.25 2.09 18.51
CA VAL A 44 19.28 1.11 17.99
C VAL A 44 18.28 0.73 19.08
N LYS A 45 17.00 0.86 18.76
CA LYS A 45 15.93 0.54 19.72
C LYS A 45 15.19 -0.72 19.32
N PHE A 46 14.60 -1.38 20.30
CA PHE A 46 13.84 -2.60 20.05
C PHE A 46 12.36 -2.36 20.29
N LEU A 47 11.54 -2.76 19.33
CA LEU A 47 10.10 -2.60 19.45
C LEU A 47 9.53 -4.02 19.49
N GLN A 48 9.10 -4.44 20.68
CA GLN A 48 8.57 -5.78 20.88
C GLN A 48 7.10 -5.90 20.51
N VAL A 49 6.81 -6.82 19.60
CA VAL A 49 5.45 -7.05 19.14
C VAL A 49 4.88 -8.31 19.80
N LYS A 50 3.61 -8.60 19.53
CA LYS A 50 2.98 -9.78 20.12
C LYS A 50 3.08 -10.99 19.19
N HIS A 51 3.20 -10.75 17.89
CA HIS A 51 3.31 -11.83 16.91
C HIS A 51 4.40 -11.38 15.93
N GLU A 52 5.38 -12.24 15.69
CA GLU A 52 6.48 -11.86 14.81
C GLU A 52 6.08 -11.39 13.41
N GLU A 53 4.93 -11.84 12.92
CA GLU A 53 4.53 -11.40 11.58
C GLU A 53 4.25 -9.90 11.60
N VAL A 54 3.75 -9.39 12.72
CA VAL A 54 3.49 -7.96 12.83
C VAL A 54 4.83 -7.22 12.87
N GLY A 55 5.85 -7.84 13.47
CA GLY A 55 7.16 -7.21 13.51
C GLY A 55 7.74 -7.13 12.11
N ALA A 56 7.59 -8.20 11.34
CA ALA A 56 8.10 -8.21 9.98
C ALA A 56 7.36 -7.19 9.12
N MET A 57 6.04 -7.18 9.19
CA MET A 57 5.26 -6.24 8.40
C MET A 57 5.55 -4.80 8.81
N ALA A 58 5.76 -4.56 10.10
CA ALA A 58 6.04 -3.22 10.59
C ALA A 58 7.39 -2.73 10.05
N ALA A 59 8.39 -3.61 10.03
CA ALA A 59 9.71 -3.25 9.54
C ALA A 59 9.62 -2.89 8.07
N VAL A 60 8.78 -3.60 7.33
CA VAL A 60 8.58 -3.37 5.90
C VAL A 60 7.78 -2.09 5.65
N MET A 61 6.65 -1.94 6.35
CA MET A 61 5.82 -0.76 6.17
C MET A 61 6.58 0.51 6.56
N GLN A 62 7.50 0.39 7.50
CA GLN A 62 8.31 1.55 7.90
C GLN A 62 8.95 2.14 6.65
N SER A 63 9.52 1.29 5.81
CA SER A 63 10.14 1.77 4.59
C SER A 63 9.10 2.27 3.57
N LYS A 64 7.97 1.59 3.47
CA LYS A 64 6.94 2.03 2.53
C LYS A 64 6.50 3.45 2.84
N PHE A 65 6.48 3.81 4.12
CA PHE A 65 6.08 5.14 4.54
C PHE A 65 7.21 6.16 4.51
N GLY A 66 8.33 5.79 3.89
CA GLY A 66 9.45 6.72 3.77
C GLY A 66 10.40 6.74 4.95
N GLY A 67 10.30 5.72 5.81
CA GLY A 67 11.16 5.64 6.98
C GLY A 67 12.50 5.00 6.67
N ASN A 68 13.27 4.73 7.72
CA ASN A 68 14.58 4.13 7.57
C ASN A 68 14.50 2.63 7.28
N LEU A 69 15.64 2.03 6.95
CA LEU A 69 15.70 0.61 6.68
C LEU A 69 15.25 -0.13 7.93
N GLY A 70 14.27 -1.01 7.78
CA GLY A 70 13.78 -1.75 8.92
C GLY A 70 14.47 -3.08 9.11
N VAL A 71 14.49 -3.56 10.34
CA VAL A 71 15.09 -4.84 10.68
C VAL A 71 14.05 -5.60 11.48
N THR A 72 13.86 -6.86 11.14
CA THR A 72 12.91 -7.71 11.85
C THR A 72 13.65 -8.98 12.24
N VAL A 73 13.34 -9.48 13.43
CA VAL A 73 13.96 -10.69 13.93
C VAL A 73 12.91 -11.75 14.28
N GLY A 74 13.31 -13.01 14.10
CA GLY A 74 12.44 -14.12 14.41
C GLY A 74 13.28 -15.22 15.01
N SER A 75 12.86 -15.74 16.17
CA SER A 75 13.61 -16.79 16.85
C SER A 75 13.72 -18.05 15.99
N GLY A 76 14.80 -18.80 16.20
CA GLY A 76 15.02 -20.02 15.44
C GLY A 76 13.78 -20.89 15.36
N GLY A 77 13.39 -21.25 14.14
CA GLY A 77 12.22 -22.09 13.95
C GLY A 77 10.92 -21.31 13.76
N PRO A 78 9.98 -21.41 14.72
CA PRO A 78 8.68 -20.73 14.67
C PRO A 78 8.68 -19.20 14.60
N GLY A 79 9.68 -18.58 15.23
CA GLY A 79 9.76 -17.12 15.19
C GLY A 79 10.12 -16.71 13.77
N ALA A 80 11.09 -17.41 13.20
CA ALA A 80 11.56 -17.14 11.86
C ALA A 80 10.48 -17.38 10.81
N SER A 81 9.76 -18.49 10.94
CA SER A 81 8.71 -18.81 9.99
C SER A 81 7.53 -17.84 10.11
N HIS A 82 7.36 -17.24 11.28
CA HIS A 82 6.27 -16.30 11.48
C HIS A 82 6.45 -15.01 10.68
N LEU A 83 7.67 -14.77 10.19
CA LEU A 83 7.94 -13.55 9.42
C LEU A 83 7.46 -13.62 7.98
N ILE A 84 7.16 -14.83 7.51
CA ILE A 84 6.79 -15.05 6.11
C ILE A 84 5.86 -14.08 5.39
N ASN A 85 4.70 -13.76 5.96
CA ASN A 85 3.79 -12.84 5.26
C ASN A 85 4.38 -11.46 5.08
N GLY A 86 5.16 -11.01 6.06
CA GLY A 86 5.78 -9.69 5.94
C GLY A 86 6.87 -9.69 4.90
N LEU A 87 7.64 -10.77 4.84
CA LEU A 87 8.72 -10.86 3.87
C LEU A 87 8.23 -11.05 2.44
N TYR A 88 7.16 -11.82 2.26
CA TYR A 88 6.63 -12.02 0.92
C TYR A 88 6.09 -10.68 0.41
N ASP A 89 5.46 -9.92 1.31
CA ASP A 89 4.94 -8.60 0.93
C ASP A 89 6.08 -7.71 0.47
N ALA A 90 7.16 -7.67 1.24
CA ALA A 90 8.31 -6.85 0.89
C ALA A 90 8.92 -7.29 -0.44
N ALA A 91 9.02 -8.61 -0.62
CA ALA A 91 9.61 -9.16 -1.84
C ALA A 91 8.82 -8.75 -3.08
N MET A 92 7.50 -8.88 -3.02
CA MET A 92 6.67 -8.53 -4.15
C MET A 92 6.57 -7.03 -4.40
N ASP A 93 6.72 -6.24 -3.33
CA ASP A 93 6.65 -4.78 -3.43
C ASP A 93 8.02 -4.16 -3.67
N ASN A 94 9.07 -4.99 -3.64
CA ASN A 94 10.44 -4.51 -3.84
C ASN A 94 10.83 -3.49 -2.77
N ILE A 95 10.56 -3.85 -1.51
CA ILE A 95 10.87 -3.00 -0.37
C ILE A 95 12.06 -3.55 0.40
N PRO A 96 13.08 -2.71 0.64
CA PRO A 96 14.24 -3.20 1.39
C PRO A 96 13.90 -3.53 2.84
N VAL A 97 14.47 -4.61 3.34
CA VAL A 97 14.26 -5.01 4.72
C VAL A 97 15.28 -6.09 5.09
N VAL A 98 15.78 -6.02 6.31
CA VAL A 98 16.75 -7.01 6.78
C VAL A 98 16.05 -7.91 7.78
N ALA A 99 16.06 -9.21 7.52
CA ALA A 99 15.44 -10.18 8.41
C ALA A 99 16.53 -11.04 9.02
N ILE A 100 16.57 -11.07 10.35
CA ILE A 100 17.54 -11.88 11.05
C ILE A 100 16.85 -13.06 11.70
N LEU A 101 17.23 -14.26 11.28
CA LEU A 101 16.65 -15.47 11.82
C LEU A 101 17.58 -16.01 12.92
N GLY A 102 17.07 -16.10 14.13
CA GLY A 102 17.88 -16.62 15.20
C GLY A 102 18.06 -18.11 14.98
N SER A 103 19.02 -18.72 15.67
CA SER A 103 19.28 -20.14 15.52
C SER A 103 19.95 -20.70 16.76
N ARG A 104 19.82 -22.00 16.97
CA ARG A 104 20.48 -22.63 18.10
C ARG A 104 21.97 -22.41 17.86
N PRO A 105 22.78 -22.48 18.93
CA PRO A 105 24.23 -22.28 18.84
C PRO A 105 24.88 -23.19 17.80
N GLN A 106 26.04 -22.78 17.29
CA GLN A 106 26.77 -23.53 16.28
C GLN A 106 26.93 -25.02 16.60
N ARG A 107 27.31 -25.34 17.84
CA ARG A 107 27.51 -26.73 18.24
C ARG A 107 26.30 -27.63 18.08
N GLU A 108 25.10 -27.04 18.06
CA GLU A 108 23.87 -27.81 17.93
C GLU A 108 23.40 -28.00 16.50
N LEU A 109 23.95 -27.23 15.56
CA LEU A 109 23.54 -27.33 14.16
C LEU A 109 23.77 -28.72 13.60
N ASN A 110 22.80 -29.23 12.85
CA ASN A 110 22.85 -30.55 12.23
C ASN A 110 22.80 -31.72 13.19
N MET A 111 22.53 -31.45 14.46
CA MET A 111 22.48 -32.51 15.47
C MET A 111 21.06 -32.99 15.73
N ASP A 112 20.09 -32.39 15.04
CA ASP A 112 18.68 -32.73 15.24
C ASP A 112 18.36 -32.47 16.70
N ALA A 113 18.78 -31.30 17.16
CA ALA A 113 18.56 -30.88 18.52
C ALA A 113 17.21 -30.19 18.64
N PHE A 114 16.89 -29.73 19.83
CA PHE A 114 15.62 -29.05 20.06
C PHE A 114 15.51 -27.75 19.29
N GLN A 115 14.41 -27.58 18.56
CA GLN A 115 14.14 -26.37 17.79
C GLN A 115 15.34 -26.00 16.91
N GLU A 116 16.02 -27.02 16.43
CA GLU A 116 17.19 -26.84 15.58
C GLU A 116 16.86 -27.37 14.19
N LEU A 117 17.13 -26.57 13.17
CA LEU A 117 16.82 -26.97 11.80
C LEU A 117 17.51 -26.10 10.78
N ASN A 118 17.58 -26.59 9.55
CA ASN A 118 18.16 -25.83 8.46
C ASN A 118 17.13 -24.81 8.00
N GLN A 119 17.39 -23.54 8.26
CA GLN A 119 16.45 -22.49 7.88
C GLN A 119 16.82 -21.80 6.56
N ASN A 120 17.83 -22.31 5.87
CA ASN A 120 18.24 -21.68 4.62
C ASN A 120 17.17 -21.80 3.52
N PRO A 121 16.46 -22.93 3.46
CA PRO A 121 15.43 -23.08 2.41
C PRO A 121 14.22 -22.17 2.61
N MET A 122 13.93 -21.84 3.87
CA MET A 122 12.76 -21.03 4.21
C MET A 122 12.45 -19.83 3.31
N TYR A 123 13.42 -18.96 3.10
CA TYR A 123 13.19 -17.75 2.30
C TYR A 123 14.07 -17.61 1.07
N ASP A 124 14.73 -18.68 0.67
CA ASP A 124 15.60 -18.60 -0.50
C ASP A 124 14.90 -18.13 -1.76
N HIS A 125 13.66 -18.55 -1.94
CA HIS A 125 12.91 -18.18 -3.14
C HIS A 125 12.62 -16.69 -3.30
N ILE A 126 12.37 -16.00 -2.19
CA ILE A 126 12.04 -14.58 -2.24
C ILE A 126 13.13 -13.60 -1.86
N ALA A 127 14.22 -14.10 -1.28
CA ALA A 127 15.30 -13.22 -0.83
C ALA A 127 16.31 -12.76 -1.88
N VAL A 128 16.86 -11.57 -1.67
CA VAL A 128 17.89 -11.02 -2.56
C VAL A 128 19.24 -11.39 -1.97
N TYR A 129 19.23 -11.86 -0.74
CA TYR A 129 20.43 -12.26 0.01
C TYR A 129 19.91 -13.27 1.05
N ASN A 130 20.53 -14.44 1.15
CA ASN A 130 20.06 -15.45 2.09
C ASN A 130 21.19 -16.37 2.52
N ARG A 131 21.82 -16.06 3.65
CA ARG A 131 22.95 -16.83 4.11
C ARG A 131 22.93 -17.21 5.59
N ARG A 132 23.55 -18.34 5.89
CA ARG A 132 23.68 -18.80 7.25
C ARG A 132 25.11 -18.45 7.66
N VAL A 133 25.25 -17.56 8.64
CA VAL A 133 26.58 -17.15 9.11
C VAL A 133 27.35 -18.41 9.50
N ALA A 134 28.57 -18.55 8.96
CA ALA A 134 29.40 -19.73 9.20
C ALA A 134 30.30 -19.71 10.42
N TYR A 135 30.60 -18.52 10.92
CA TYR A 135 31.42 -18.37 12.12
C TYR A 135 31.19 -16.96 12.65
N ALA A 136 31.37 -16.79 13.96
CA ALA A 136 31.12 -15.52 14.62
C ALA A 136 31.79 -14.28 14.02
N GLU A 137 33.09 -14.37 13.78
CA GLU A 137 33.85 -13.24 13.25
C GLU A 137 33.36 -12.57 11.96
N GLN A 138 32.58 -13.27 11.14
CA GLN A 138 32.08 -12.66 9.92
C GLN A 138 30.67 -12.10 10.06
N LEU A 139 30.07 -12.22 11.24
CA LEU A 139 28.72 -11.70 11.44
C LEU A 139 28.61 -10.21 11.09
N PRO A 140 29.53 -9.37 11.60
CA PRO A 140 29.45 -7.95 11.28
C PRO A 140 29.47 -7.70 9.77
N LYS A 141 30.40 -8.34 9.07
CA LYS A 141 30.51 -8.18 7.63
C LYS A 141 29.21 -8.53 6.92
N LEU A 142 28.59 -9.62 7.35
CA LEU A 142 27.36 -10.07 6.70
C LEU A 142 26.15 -9.21 7.02
N VAL A 143 26.10 -8.63 8.21
CA VAL A 143 24.98 -7.75 8.54
C VAL A 143 25.14 -6.49 7.69
N ASP A 144 26.37 -6.01 7.57
CA ASP A 144 26.65 -4.82 6.78
C ASP A 144 26.23 -5.07 5.33
N GLU A 145 26.64 -6.22 4.79
CA GLU A 145 26.29 -6.54 3.42
C GLU A 145 24.80 -6.79 3.26
N ALA A 146 24.15 -7.30 4.31
CA ALA A 146 22.71 -7.54 4.23
C ALA A 146 21.98 -6.22 4.03
N ALA A 147 22.42 -5.19 4.75
CA ALA A 147 21.81 -3.87 4.64
C ALA A 147 22.08 -3.29 3.26
N ARG A 148 23.34 -3.38 2.84
CA ARG A 148 23.74 -2.89 1.53
C ARG A 148 22.94 -3.56 0.40
N MET A 149 22.73 -4.87 0.51
CA MET A 149 21.99 -5.63 -0.50
C MET A 149 20.50 -5.34 -0.48
N ALA A 150 19.91 -5.29 0.72
CA ALA A 150 18.49 -5.01 0.83
C ALA A 150 18.16 -3.71 0.11
N ILE A 151 18.99 -2.70 0.34
CA ILE A 151 18.79 -1.39 -0.27
C ILE A 151 19.10 -1.36 -1.77
N ALA A 152 20.26 -1.91 -2.16
CA ALA A 152 20.65 -1.91 -3.56
C ALA A 152 19.76 -2.77 -4.45
N LYS A 153 19.29 -3.89 -3.92
CA LYS A 153 18.46 -4.79 -4.69
C LYS A 153 16.97 -4.63 -4.41
N ARG A 154 16.64 -3.68 -3.55
CA ARG A 154 15.25 -3.39 -3.18
C ARG A 154 14.48 -4.65 -2.80
N GLY A 155 14.96 -5.35 -1.77
CA GLY A 155 14.30 -6.57 -1.35
C GLY A 155 14.69 -7.08 0.01
N VAL A 156 14.34 -8.34 0.26
CA VAL A 156 14.57 -9.00 1.53
C VAL A 156 15.95 -9.65 1.66
N ALA A 157 16.74 -9.18 2.63
CA ALA A 157 18.06 -9.74 2.89
C ALA A 157 17.92 -10.56 4.19
N VAL A 158 18.21 -11.85 4.11
CA VAL A 158 18.06 -12.74 5.25
C VAL A 158 19.35 -13.35 5.77
N LEU A 159 19.54 -13.30 7.08
CA LEU A 159 20.73 -13.87 7.72
C LEU A 159 20.32 -14.81 8.84
N GLU A 160 20.81 -16.03 8.81
CA GLU A 160 20.52 -16.99 9.87
C GLU A 160 21.72 -16.89 10.79
N VAL A 161 21.47 -16.52 12.05
CA VAL A 161 22.54 -16.29 13.01
C VAL A 161 22.57 -17.17 14.26
N PRO A 162 23.51 -18.13 14.32
CA PRO A 162 23.63 -19.01 15.49
C PRO A 162 23.73 -18.12 16.73
N GLY A 163 22.94 -18.46 17.73
CA GLY A 163 22.88 -17.68 18.96
C GLY A 163 24.13 -17.44 19.80
N ASP A 164 25.21 -18.17 19.53
CA ASP A 164 26.43 -18.00 20.31
C ASP A 164 27.41 -17.01 19.72
N PHE A 165 27.23 -16.67 18.45
CA PHE A 165 28.14 -15.76 17.75
C PHE A 165 28.27 -14.34 18.30
N ALA A 166 27.15 -13.71 18.64
CA ALA A 166 27.17 -12.34 19.15
C ALA A 166 27.92 -12.17 20.48
N LYS A 167 28.19 -13.27 21.17
CA LYS A 167 28.88 -13.22 22.45
C LYS A 167 30.39 -13.07 22.26
N VAL A 168 30.87 -13.50 21.09
CA VAL A 168 32.29 -13.45 20.77
C VAL A 168 32.85 -12.04 20.65
N GLU A 169 34.12 -11.89 21.00
CA GLU A 169 34.81 -10.62 20.95
C GLU A 169 35.83 -10.62 19.82
N ILE A 170 35.99 -9.47 19.16
CA ILE A 170 36.96 -9.32 18.08
C ILE A 170 37.71 -8.01 18.22
N ASP A 171 38.75 -7.85 17.42
CA ASP A 171 39.54 -6.62 17.44
C ASP A 171 38.69 -5.56 16.74
N ASN A 172 38.69 -4.34 17.28
CA ASN A 172 37.89 -3.27 16.69
C ASN A 172 38.22 -2.99 15.23
N ASP A 173 39.42 -3.38 14.81
CA ASP A 173 39.84 -3.15 13.43
C ASP A 173 39.47 -4.32 12.53
N GLN A 174 38.72 -5.29 13.07
CA GLN A 174 38.30 -6.46 12.31
C GLN A 174 36.88 -6.34 11.76
N TRP A 175 36.34 -5.12 11.77
CA TRP A 175 35.00 -4.89 11.23
C TRP A 175 34.91 -3.46 10.71
N TYR A 176 33.96 -3.24 9.81
CA TYR A 176 33.73 -1.91 9.27
C TYR A 176 32.36 -1.85 8.65
N SER A 177 31.87 -0.63 8.45
CA SER A 177 30.56 -0.42 7.82
C SER A 177 30.77 0.21 6.45
N SER A 178 29.99 -0.23 5.47
CA SER A 178 30.11 0.35 4.13
C SER A 178 28.97 1.35 3.90
N ALA A 179 28.30 1.73 4.98
CA ALA A 179 27.20 2.68 4.87
C ALA A 179 27.67 4.03 4.33
N ASN A 180 28.92 4.39 4.63
CA ASN A 180 29.48 5.65 4.17
C ASN A 180 29.59 5.69 2.65
N SER A 181 29.66 4.51 2.04
CA SER A 181 29.78 4.40 0.59
C SER A 181 28.43 4.23 -0.10
N LEU A 182 27.34 4.33 0.66
CA LEU A 182 26.02 4.19 0.07
C LEU A 182 25.80 5.29 -0.96
N ARG A 183 25.47 4.87 -2.17
CA ARG A 183 25.20 5.79 -3.27
C ARG A 183 23.97 5.31 -4.02
N LYS A 184 23.21 6.26 -4.54
CA LYS A 184 22.01 5.95 -5.30
C LYS A 184 22.02 6.81 -6.57
N TYR A 185 21.45 6.29 -7.64
CA TYR A 185 21.40 7.04 -8.89
C TYR A 185 20.34 8.12 -8.82
N ALA A 186 20.70 9.31 -9.31
CA ALA A 186 19.77 10.43 -9.32
C ALA A 186 18.85 10.19 -10.51
N PRO A 187 17.72 10.92 -10.58
CA PRO A 187 16.81 10.72 -11.71
C PRO A 187 17.55 10.84 -13.03
N ILE A 188 17.32 9.88 -13.91
CA ILE A 188 17.97 9.86 -15.22
C ILE A 188 17.06 10.39 -16.31
N ALA A 189 17.59 11.29 -17.12
CA ALA A 189 16.83 11.89 -18.22
C ALA A 189 16.56 10.89 -19.34
N PRO A 190 15.34 10.91 -19.88
CA PRO A 190 14.93 10.01 -20.95
C PRO A 190 15.58 10.40 -22.29
N ALA A 191 15.57 9.48 -23.24
CA ALA A 191 16.14 9.74 -24.56
C ALA A 191 15.22 10.67 -25.33
N ALA A 192 15.80 11.73 -25.89
CA ALA A 192 15.01 12.70 -26.66
C ALA A 192 14.20 12.04 -27.78
N GLN A 193 14.79 11.04 -28.42
CA GLN A 193 14.11 10.35 -29.51
C GLN A 193 12.81 9.69 -29.06
N ASP A 194 12.81 9.15 -27.85
CA ASP A 194 11.64 8.50 -27.30
C ASP A 194 10.58 9.51 -26.84
N ILE A 195 11.03 10.61 -26.24
CA ILE A 195 10.08 11.64 -25.81
C ILE A 195 9.40 12.20 -27.07
N ASP A 196 10.19 12.45 -28.10
CA ASP A 196 9.67 12.99 -29.35
C ASP A 196 8.61 12.09 -29.98
N ALA A 197 8.84 10.79 -29.97
CA ALA A 197 7.88 9.85 -30.54
C ALA A 197 6.59 9.89 -29.75
N ALA A 198 6.72 10.02 -28.44
CA ALA A 198 5.56 10.09 -27.56
C ALA A 198 4.78 11.37 -27.83
N VAL A 199 5.51 12.47 -28.01
CA VAL A 199 4.88 13.75 -28.27
C VAL A 199 4.06 13.73 -29.56
N GLU A 200 4.58 13.07 -30.59
CA GLU A 200 3.89 12.97 -31.86
C GLU A 200 2.57 12.20 -31.72
N LEU A 201 2.61 11.07 -31.01
CA LEU A 201 1.40 10.27 -30.80
C LEU A 201 0.35 11.02 -29.99
N LEU A 202 0.79 11.72 -28.95
CA LEU A 202 -0.14 12.46 -28.12
C LEU A 202 -0.76 13.62 -28.88
N ASN A 203 0.04 14.29 -29.71
CA ASN A 203 -0.43 15.40 -30.51
C ASN A 203 -1.51 14.96 -31.50
N ASN A 204 -1.32 13.79 -32.10
CA ASN A 204 -2.25 13.27 -33.10
C ASN A 204 -3.40 12.43 -32.55
N SER A 205 -3.41 12.17 -31.25
CA SER A 205 -4.46 11.36 -30.67
C SER A 205 -5.75 12.16 -30.47
N LYS A 206 -6.88 11.50 -30.70
CA LYS A 206 -8.18 12.13 -30.52
C LYS A 206 -8.71 11.87 -29.13
N ARG A 207 -8.21 10.81 -28.50
CA ARG A 207 -8.65 10.46 -27.14
C ARG A 207 -7.48 10.00 -26.28
N PRO A 208 -6.64 10.95 -25.85
CA PRO A 208 -5.50 10.60 -25.01
C PRO A 208 -5.91 10.41 -23.55
N VAL A 209 -5.21 9.53 -22.86
CA VAL A 209 -5.48 9.28 -21.44
C VAL A 209 -4.16 9.01 -20.74
N ILE A 210 -4.02 9.55 -19.54
CA ILE A 210 -2.80 9.36 -18.76
C ILE A 210 -3.11 8.33 -17.68
N TYR A 211 -2.34 7.25 -17.66
CA TYR A 211 -2.51 6.18 -16.68
C TYR A 211 -1.26 6.25 -15.82
N ALA A 212 -1.37 6.89 -14.66
CA ALA A 212 -0.22 7.07 -13.79
C ALA A 212 -0.14 6.18 -12.56
N GLY A 213 1.00 5.51 -12.42
CA GLY A 213 1.26 4.63 -11.28
C GLY A 213 2.21 5.32 -10.32
N ILE A 214 2.65 4.64 -9.26
CA ILE A 214 3.51 5.27 -8.27
C ILE A 214 4.86 5.77 -8.78
N GLY A 215 5.17 5.48 -10.05
CA GLY A 215 6.41 5.98 -10.60
C GLY A 215 6.31 7.48 -10.73
N THR A 216 5.08 7.99 -10.68
CA THR A 216 4.83 9.43 -10.79
C THR A 216 4.77 10.10 -9.42
N MET A 217 4.99 9.33 -8.36
CA MET A 217 4.97 9.88 -7.00
C MET A 217 5.88 11.11 -6.94
N GLY A 218 5.36 12.18 -6.36
CA GLY A 218 6.12 13.41 -6.23
C GLY A 218 5.98 14.35 -7.40
N HIS A 219 5.29 13.89 -8.44
CA HIS A 219 5.12 14.71 -9.64
C HIS A 219 3.67 14.89 -10.05
N GLY A 220 2.76 14.81 -9.07
CA GLY A 220 1.36 14.96 -9.34
C GLY A 220 1.02 16.30 -9.99
N PRO A 221 1.55 17.41 -9.47
CA PRO A 221 1.26 18.72 -10.06
C PRO A 221 1.59 18.75 -11.55
N ALA A 222 2.74 18.20 -11.91
CA ALA A 222 3.15 18.18 -13.32
C ALA A 222 2.22 17.30 -14.17
N VAL A 223 1.82 16.16 -13.61
CA VAL A 223 0.92 15.27 -14.34
C VAL A 223 -0.42 15.97 -14.55
N GLN A 224 -0.90 16.70 -13.54
CA GLN A 224 -2.16 17.41 -13.67
C GLN A 224 -2.05 18.53 -14.70
N GLU A 225 -0.88 19.15 -14.78
CA GLU A 225 -0.66 20.23 -15.74
C GLU A 225 -0.66 19.67 -17.15
N LEU A 226 -0.06 18.49 -17.34
CA LEU A 226 -0.02 17.87 -18.65
C LEU A 226 -1.44 17.48 -19.05
N ALA A 227 -2.19 16.94 -18.10
CA ALA A 227 -3.56 16.54 -18.36
C ALA A 227 -4.35 17.72 -18.89
N ARG A 228 -4.21 18.87 -18.22
CA ARG A 228 -4.92 20.07 -18.62
C ARG A 228 -4.41 20.62 -19.95
N LYS A 229 -3.10 20.56 -20.15
CA LYS A 229 -2.52 21.08 -21.39
C LYS A 229 -3.02 20.38 -22.65
N ILE A 230 -3.01 19.05 -22.64
CA ILE A 230 -3.45 18.30 -23.82
C ILE A 230 -4.87 17.77 -23.69
N LYS A 231 -5.54 18.14 -22.61
CA LYS A 231 -6.91 17.70 -22.35
C LYS A 231 -7.04 16.19 -22.32
N ALA A 232 -6.19 15.55 -21.53
CA ALA A 232 -6.19 14.10 -21.39
C ALA A 232 -6.57 13.74 -19.96
N PRO A 233 -7.67 12.99 -19.78
CA PRO A 233 -8.09 12.62 -18.42
C PRO A 233 -7.03 11.76 -17.75
N VAL A 234 -7.08 11.70 -16.43
CA VAL A 234 -6.13 10.92 -15.67
C VAL A 234 -6.73 9.71 -14.98
N ILE A 235 -6.05 8.58 -15.13
CA ILE A 235 -6.43 7.34 -14.48
C ILE A 235 -5.24 7.05 -13.57
N THR A 236 -5.52 6.62 -12.34
CA THR A 236 -4.44 6.30 -11.42
C THR A 236 -4.55 4.83 -11.01
N THR A 237 -3.62 4.35 -10.21
CA THR A 237 -3.65 2.98 -9.75
C THR A 237 -4.07 2.95 -8.29
N GLY A 238 -4.41 1.76 -7.79
CA GLY A 238 -4.82 1.63 -6.41
C GLY A 238 -3.75 2.03 -5.40
N LYS A 239 -2.50 2.14 -5.85
CA LYS A 239 -1.41 2.53 -4.97
C LYS A 239 -1.04 4.00 -5.05
N ASN A 240 -1.51 4.67 -6.10
CA ASN A 240 -1.13 6.05 -6.38
C ASN A 240 -2.13 7.21 -6.22
N PHE A 241 -3.19 7.04 -5.45
CA PHE A 241 -4.16 8.12 -5.30
C PHE A 241 -3.65 9.41 -4.66
N GLU A 242 -2.74 9.28 -3.70
CA GLU A 242 -2.23 10.47 -3.00
C GLU A 242 -1.48 11.44 -3.89
N THR A 243 -1.03 10.96 -5.04
CA THR A 243 -0.29 11.79 -5.99
C THR A 243 -1.15 12.91 -6.58
N PHE A 244 -2.46 12.73 -6.55
CA PHE A 244 -3.36 13.73 -7.11
C PHE A 244 -4.23 14.40 -6.07
N GLU A 245 -4.67 15.61 -6.38
CA GLU A 245 -5.56 16.33 -5.49
C GLU A 245 -6.87 15.57 -5.69
N TRP A 246 -7.45 15.10 -4.60
CA TRP A 246 -8.68 14.33 -4.66
C TRP A 246 -9.79 14.95 -5.50
N ASP A 247 -9.85 16.28 -5.53
CA ASP A 247 -10.90 16.96 -6.30
C ASP A 247 -10.48 17.43 -7.69
N PHE A 248 -9.35 16.95 -8.18
CA PHE A 248 -8.88 17.33 -9.52
C PHE A 248 -10.00 17.05 -10.51
N GLU A 249 -10.36 18.06 -11.30
CA GLU A 249 -11.44 17.97 -12.28
C GLU A 249 -11.38 16.78 -13.22
N ALA A 250 -10.19 16.38 -13.63
CA ALA A 250 -10.04 15.28 -14.58
C ALA A 250 -9.57 13.94 -14.00
N LEU A 251 -9.67 13.77 -12.69
CA LEU A 251 -9.28 12.51 -12.07
C LEU A 251 -10.44 11.53 -12.23
N THR A 252 -10.22 10.45 -12.97
CA THR A 252 -11.26 9.45 -13.20
C THR A 252 -11.22 8.29 -12.21
N GLY A 253 -10.16 8.23 -11.41
CA GLY A 253 -10.00 7.17 -10.43
C GLY A 253 -9.12 6.07 -10.99
N SER A 254 -9.33 4.85 -10.51
CA SER A 254 -8.57 3.69 -10.96
C SER A 254 -9.50 2.70 -11.65
N THR A 255 -8.94 1.77 -12.43
CA THR A 255 -9.77 0.79 -13.12
C THR A 255 -9.92 -0.51 -12.34
N TYR A 256 -10.84 -1.34 -12.82
CA TYR A 256 -11.20 -2.63 -12.22
C TYR A 256 -11.96 -2.44 -10.90
N ARG A 257 -12.03 -3.49 -10.09
CA ARG A 257 -12.76 -3.50 -8.81
C ARG A 257 -12.48 -2.38 -7.80
N VAL A 258 -11.24 -2.25 -7.36
CA VAL A 258 -10.91 -1.18 -6.43
C VAL A 258 -10.61 0.01 -7.33
N GLY A 259 -11.69 0.59 -7.84
CA GLY A 259 -11.57 1.72 -8.74
C GLY A 259 -12.86 2.52 -8.74
N TRP A 260 -12.98 3.40 -9.72
CA TRP A 260 -14.16 4.26 -9.88
C TRP A 260 -14.84 3.94 -11.20
N LYS A 261 -16.09 4.38 -11.33
CA LYS A 261 -16.83 4.15 -12.57
C LYS A 261 -16.17 4.86 -13.75
N PRO A 262 -15.86 6.17 -13.61
CA PRO A 262 -15.23 6.92 -14.70
C PRO A 262 -14.00 6.26 -15.34
N ALA A 263 -13.01 5.89 -14.52
CA ALA A 263 -11.79 5.28 -15.04
C ALA A 263 -12.08 4.01 -15.84
N ASN A 264 -12.96 3.16 -15.30
CA ASN A 264 -13.31 1.93 -15.99
C ASN A 264 -13.95 2.16 -17.35
N GLU A 265 -14.69 3.26 -17.49
CA GLU A 265 -15.33 3.56 -18.76
C GLU A 265 -14.35 4.26 -19.69
N THR A 266 -13.54 5.15 -19.13
CA THR A 266 -12.55 5.89 -19.91
C THR A 266 -11.57 4.99 -20.65
N ILE A 267 -10.97 4.05 -19.93
CA ILE A 267 -9.97 3.17 -20.55
C ILE A 267 -10.49 2.33 -21.73
N LEU A 268 -11.78 1.99 -21.71
CA LEU A 268 -12.36 1.20 -22.80
C LEU A 268 -12.70 2.08 -24.01
N GLU A 269 -12.66 3.39 -23.82
CA GLU A 269 -12.98 4.34 -24.91
C GLU A 269 -11.77 5.13 -25.39
N ALA A 270 -10.63 4.97 -24.71
CA ALA A 270 -9.42 5.72 -25.05
C ALA A 270 -8.70 5.22 -26.31
N ASP A 271 -7.95 6.11 -26.93
CA ASP A 271 -7.18 5.77 -28.13
C ASP A 271 -5.70 5.62 -27.80
N THR A 272 -5.14 6.63 -27.14
CA THR A 272 -3.72 6.61 -26.78
C THR A 272 -3.53 6.66 -25.27
N VAL A 273 -2.74 5.73 -24.75
CA VAL A 273 -2.47 5.66 -23.32
C VAL A 273 -1.02 6.00 -22.98
N LEU A 274 -0.85 6.95 -22.06
CA LEU A 274 0.48 7.30 -21.59
C LEU A 274 0.55 6.56 -20.26
N PHE A 275 1.19 5.38 -20.29
CA PHE A 275 1.33 4.51 -19.14
C PHE A 275 2.60 4.95 -18.41
N ALA A 276 2.44 5.83 -17.42
CA ALA A 276 3.57 6.37 -16.69
C ALA A 276 3.86 5.77 -15.32
N GLY A 277 4.99 5.07 -15.22
CA GLY A 277 5.38 4.48 -13.95
C GLY A 277 4.37 3.56 -13.30
N SER A 278 3.95 2.53 -14.04
CA SER A 278 2.99 1.57 -13.53
C SER A 278 3.29 0.14 -13.97
N ASN A 279 2.84 -0.82 -13.16
CA ASN A 279 2.98 -2.22 -13.48
C ASN A 279 1.66 -2.87 -13.09
N PHE A 280 0.58 -2.16 -13.41
CA PHE A 280 -0.81 -2.58 -13.14
C PHE A 280 -0.95 -4.08 -13.41
N PRO A 281 -1.14 -4.88 -12.35
CA PRO A 281 -1.27 -6.33 -12.47
C PRO A 281 -2.52 -6.93 -13.13
N PHE A 282 -3.58 -6.14 -13.27
CA PHE A 282 -4.79 -6.65 -13.89
C PHE A 282 -4.82 -6.45 -15.39
N SER A 283 -3.84 -5.72 -15.91
CA SER A 283 -3.75 -5.41 -17.33
C SER A 283 -4.16 -6.52 -18.30
N GLU A 284 -3.44 -7.62 -18.29
CA GLU A 284 -3.75 -8.71 -19.22
C GLU A 284 -4.99 -9.53 -18.88
N VAL A 285 -5.07 -10.03 -17.65
CA VAL A 285 -6.17 -10.88 -17.25
C VAL A 285 -7.56 -10.23 -17.28
N GLU A 286 -7.63 -8.91 -17.15
CA GLU A 286 -8.91 -8.22 -17.20
C GLU A 286 -9.11 -7.46 -18.51
N GLY A 287 -8.16 -7.60 -19.42
CA GLY A 287 -8.26 -6.93 -20.72
C GLY A 287 -8.40 -5.42 -20.64
N THR A 288 -7.75 -4.82 -19.66
CA THR A 288 -7.80 -3.39 -19.44
C THR A 288 -7.60 -2.53 -20.69
N PHE A 289 -6.59 -2.87 -21.47
CA PHE A 289 -6.26 -2.12 -22.67
C PHE A 289 -6.74 -2.73 -23.98
N ARG A 290 -7.77 -3.57 -23.91
CA ARG A 290 -8.27 -4.23 -25.10
C ARG A 290 -8.73 -3.33 -26.25
N ASN A 291 -9.17 -2.11 -25.94
CA ASN A 291 -9.64 -1.21 -26.98
C ASN A 291 -8.68 -0.07 -27.34
N VAL A 292 -7.51 -0.02 -26.72
CA VAL A 292 -6.56 1.04 -26.99
C VAL A 292 -5.86 0.86 -28.34
N ASP A 293 -5.52 1.98 -28.98
CA ASP A 293 -4.86 1.95 -30.28
C ASP A 293 -3.34 2.08 -30.17
N ASN A 294 -2.90 3.01 -29.33
CA ASN A 294 -1.48 3.28 -29.13
C ASN A 294 -1.15 3.20 -27.63
N PHE A 295 0.06 2.79 -27.32
CA PHE A 295 0.48 2.63 -25.94
C PHE A 295 1.90 3.17 -25.76
N ILE A 296 2.04 4.16 -24.88
CA ILE A 296 3.33 4.77 -24.60
C ILE A 296 3.66 4.44 -23.14
N GLN A 297 4.86 3.95 -22.89
CA GLN A 297 5.23 3.61 -21.53
C GLN A 297 6.51 4.29 -21.04
N ILE A 298 6.45 4.76 -19.80
CA ILE A 298 7.58 5.41 -19.15
C ILE A 298 7.91 4.61 -17.91
N ASP A 299 9.17 4.21 -17.76
CA ASP A 299 9.57 3.43 -16.59
C ASP A 299 11.08 3.48 -16.41
N ILE A 300 11.56 3.32 -15.18
CA ILE A 300 12.99 3.33 -14.92
C ILE A 300 13.55 1.91 -14.98
N ASP A 301 12.66 0.93 -15.00
CA ASP A 301 13.04 -0.48 -15.04
C ASP A 301 12.84 -1.07 -16.44
N PRO A 302 13.95 -1.38 -17.14
CA PRO A 302 13.81 -1.95 -18.48
C PRO A 302 12.99 -3.24 -18.52
N ALA A 303 12.97 -3.97 -17.42
CA ALA A 303 12.23 -5.23 -17.34
C ALA A 303 10.72 -5.01 -17.47
N MET A 304 10.29 -3.77 -17.24
CA MET A 304 8.87 -3.42 -17.31
C MET A 304 8.41 -2.90 -18.67
N LEU A 305 9.36 -2.49 -19.52
CA LEU A 305 9.03 -1.94 -20.83
C LEU A 305 8.35 -2.92 -21.78
N GLY A 306 7.08 -2.67 -22.06
CA GLY A 306 6.32 -3.54 -22.94
C GLY A 306 5.79 -4.78 -22.23
N LYS A 307 5.86 -4.78 -20.91
CA LYS A 307 5.39 -5.94 -20.14
C LYS A 307 3.88 -6.13 -20.12
N ARG A 308 3.15 -5.07 -19.81
CA ARG A 308 1.69 -5.13 -19.70
C ARG A 308 0.90 -4.98 -21.00
N HIS A 309 1.56 -4.51 -22.05
CA HIS A 309 0.93 -4.33 -23.35
C HIS A 309 2.04 -3.94 -24.30
N HIS A 310 1.86 -4.22 -25.58
CA HIS A 310 2.87 -3.85 -26.57
C HIS A 310 3.04 -2.34 -26.45
N ALA A 311 4.29 -1.88 -26.46
CA ALA A 311 4.55 -0.45 -26.36
C ALA A 311 4.97 0.12 -27.71
N ASP A 312 4.22 1.09 -28.19
CA ASP A 312 4.54 1.72 -29.47
C ASP A 312 5.70 2.68 -29.25
N VAL A 313 5.77 3.21 -28.03
CA VAL A 313 6.84 4.13 -27.64
C VAL A 313 7.29 3.71 -26.24
N ALA A 314 8.59 3.54 -26.06
CA ALA A 314 9.14 3.16 -24.76
C ALA A 314 10.12 4.21 -24.30
N ILE A 315 9.90 4.71 -23.10
CA ILE A 315 10.75 5.74 -22.52
C ILE A 315 11.40 5.23 -21.24
N LEU A 316 12.72 5.08 -21.25
CA LEU A 316 13.46 4.61 -20.09
C LEU A 316 14.03 5.80 -19.34
N GLY A 317 13.62 5.95 -18.09
CA GLY A 317 14.11 7.06 -17.29
C GLY A 317 13.10 7.49 -16.25
N ASP A 318 13.45 8.53 -15.50
CA ASP A 318 12.58 9.04 -14.46
C ASP A 318 11.27 9.62 -15.02
N ALA A 319 10.16 9.28 -14.37
CA ALA A 319 8.83 9.74 -14.79
C ALA A 319 8.71 11.26 -14.69
N ALA A 320 9.32 11.83 -13.67
CA ALA A 320 9.29 13.28 -13.46
C ALA A 320 9.87 14.00 -14.65
N LEU A 321 11.12 13.65 -14.97
CA LEU A 321 11.82 14.25 -16.08
C LEU A 321 11.07 14.03 -17.38
N ALA A 322 10.58 12.80 -17.59
CA ALA A 322 9.85 12.47 -18.80
C ALA A 322 8.57 13.30 -18.94
N ILE A 323 7.81 13.40 -17.86
CA ILE A 323 6.58 14.18 -17.88
C ILE A 323 6.89 15.64 -18.19
N ASP A 324 7.95 16.17 -17.58
CA ASP A 324 8.34 17.56 -17.81
C ASP A 324 8.74 17.79 -19.26
N GLU A 325 9.49 16.86 -19.84
CA GLU A 325 9.93 16.97 -21.22
C GLU A 325 8.76 16.90 -22.18
N ILE A 326 7.81 16.01 -21.89
CA ILE A 326 6.63 15.88 -22.74
C ILE A 326 5.80 17.15 -22.63
N LEU A 327 5.61 17.62 -21.41
CA LEU A 327 4.84 18.83 -21.15
C LEU A 327 5.36 20.04 -21.92
N ASN A 328 6.68 20.17 -21.97
CA ASN A 328 7.31 21.29 -22.66
C ASN A 328 7.23 21.21 -24.19
N LYS A 329 7.23 20.00 -24.72
CA LYS A 329 7.20 19.79 -26.17
C LYS A 329 5.84 19.59 -26.84
N VAL A 330 4.87 19.05 -26.11
CA VAL A 330 3.55 18.79 -26.66
C VAL A 330 2.75 20.06 -26.96
N ASP A 331 1.84 19.96 -27.92
CA ASP A 331 0.98 21.09 -28.30
C ASP A 331 -0.16 21.24 -27.32
N ALA A 332 -0.50 22.48 -27.00
CA ALA A 332 -1.60 22.75 -26.09
C ALA A 332 -2.91 22.53 -26.83
N VAL A 333 -3.89 21.97 -26.13
CA VAL A 333 -5.20 21.71 -26.72
C VAL A 333 -6.20 22.61 -25.99
N GLU A 334 -6.86 23.48 -26.75
CA GLU A 334 -7.82 24.41 -26.19
C GLU A 334 -9.18 23.80 -25.86
N GLU A 335 -9.78 23.11 -26.82
CA GLU A 335 -11.09 22.49 -26.63
C GLU A 335 -11.07 21.03 -27.03
N SER A 336 -11.83 20.21 -26.32
CA SER A 336 -11.90 18.78 -26.60
C SER A 336 -13.21 18.16 -26.13
N ALA A 337 -13.94 17.57 -27.08
CA ALA A 337 -15.21 16.91 -26.76
C ALA A 337 -14.93 15.76 -25.80
N TRP A 338 -13.82 15.05 -26.05
CA TRP A 338 -13.40 13.92 -25.24
C TRP A 338 -13.19 14.35 -23.78
N TRP A 339 -12.52 15.48 -23.60
CA TRP A 339 -12.26 16.02 -22.28
C TRP A 339 -13.56 16.42 -21.59
N THR A 340 -14.40 17.18 -22.30
CA THR A 340 -15.67 17.63 -21.75
C THR A 340 -16.56 16.47 -21.29
N ALA A 341 -16.66 15.44 -22.13
CA ALA A 341 -17.48 14.28 -21.79
C ALA A 341 -16.95 13.60 -20.53
N ASN A 342 -15.63 13.48 -20.42
CA ASN A 342 -15.02 12.86 -19.26
C ASN A 342 -15.26 13.66 -17.99
N LEU A 343 -15.17 14.99 -18.08
CA LEU A 343 -15.39 15.82 -16.90
C LEU A 343 -16.81 15.63 -16.37
N LYS A 344 -17.79 15.56 -17.27
CA LYS A 344 -19.16 15.36 -16.84
C LYS A 344 -19.35 13.99 -16.22
N ASN A 345 -18.71 12.99 -16.81
CA ASN A 345 -18.81 11.63 -16.31
C ASN A 345 -18.24 11.56 -14.88
N ILE A 346 -17.14 12.25 -14.67
CA ILE A 346 -16.50 12.28 -13.35
C ILE A 346 -17.42 12.98 -12.35
N ALA A 347 -17.98 14.12 -12.74
CA ALA A 347 -18.86 14.89 -11.88
C ALA A 347 -20.09 14.06 -11.47
N ASN A 348 -20.62 13.29 -12.40
CA ASN A 348 -21.77 12.44 -12.14
C ASN A 348 -21.42 11.41 -11.06
N TRP A 349 -20.21 10.86 -11.15
CA TRP A 349 -19.75 9.89 -10.18
C TRP A 349 -19.57 10.54 -8.81
N ARG A 350 -19.02 11.74 -8.79
CA ARG A 350 -18.80 12.44 -7.53
C ARG A 350 -20.13 12.79 -6.85
N GLU A 351 -21.18 13.03 -7.65
CA GLU A 351 -22.49 13.34 -7.08
C GLU A 351 -22.99 12.13 -6.29
N TYR A 352 -22.79 10.96 -6.88
CA TYR A 352 -23.20 9.69 -6.30
C TYR A 352 -22.48 9.42 -4.99
N ILE A 353 -21.15 9.52 -5.02
CA ILE A 353 -20.35 9.28 -3.82
C ILE A 353 -20.68 10.28 -2.73
N ASN A 354 -20.82 11.56 -3.10
CA ASN A 354 -21.14 12.59 -2.12
C ASN A 354 -22.49 12.32 -1.47
N MET A 355 -23.44 11.82 -2.25
CA MET A 355 -24.77 11.53 -1.73
C MET A 355 -24.70 10.44 -0.67
N LEU A 356 -23.89 9.42 -0.93
CA LEU A 356 -23.75 8.32 0.01
C LEU A 356 -23.02 8.78 1.29
N GLU A 357 -21.96 9.55 1.12
CA GLU A 357 -21.17 10.02 2.25
C GLU A 357 -21.92 10.98 3.18
N THR A 358 -22.81 11.78 2.62
CA THR A 358 -23.51 12.79 3.41
C THR A 358 -24.90 12.44 3.95
N LYS A 359 -25.24 11.15 4.02
CA LYS A 359 -26.54 10.77 4.57
C LYS A 359 -26.59 11.28 6.00
N GLU A 360 -27.79 11.61 6.48
CA GLU A 360 -27.92 12.14 7.83
C GLU A 360 -28.35 11.15 8.91
N GLU A 361 -29.20 10.19 8.56
CA GLU A 361 -29.66 9.23 9.56
C GLU A 361 -29.87 7.83 8.99
N GLY A 362 -29.78 6.82 9.86
CA GLY A 362 -29.97 5.45 9.44
C GLY A 362 -28.87 4.51 9.91
N ASP A 363 -28.97 3.25 9.52
CA ASP A 363 -27.96 2.26 9.89
C ASP A 363 -26.65 2.66 9.23
N LEU A 364 -25.58 2.66 10.01
CA LEU A 364 -24.26 3.05 9.54
C LEU A 364 -23.72 2.21 8.38
N GLN A 365 -23.15 2.91 7.39
CA GLN A 365 -22.55 2.27 6.24
C GLN A 365 -21.11 2.76 6.24
N PHE A 366 -20.20 2.05 5.60
CA PHE A 366 -18.83 2.52 5.60
C PHE A 366 -18.69 3.89 4.92
N TYR A 367 -19.64 4.22 4.04
CA TYR A 367 -19.61 5.51 3.35
C TYR A 367 -19.53 6.68 4.34
N GLN A 368 -20.38 6.64 5.36
CA GLN A 368 -20.42 7.73 6.33
C GLN A 368 -19.25 7.71 7.30
N VAL A 369 -18.62 6.55 7.47
CA VAL A 369 -17.46 6.44 8.35
C VAL A 369 -16.35 7.22 7.65
N TYR A 370 -16.21 6.99 6.35
CA TYR A 370 -15.19 7.69 5.57
C TYR A 370 -15.49 9.18 5.55
N ASN A 371 -16.77 9.53 5.54
CA ASN A 371 -17.16 10.94 5.55
C ASN A 371 -16.64 11.58 6.83
N ALA A 372 -16.85 10.90 7.96
CA ALA A 372 -16.41 11.39 9.26
C ALA A 372 -14.89 11.56 9.29
N ILE A 373 -14.17 10.62 8.69
CA ILE A 373 -12.71 10.70 8.66
C ILE A 373 -12.31 11.97 7.89
N ASN A 374 -12.92 12.18 6.73
CA ASN A 374 -12.61 13.36 5.94
C ASN A 374 -12.83 14.64 6.74
N ASN A 375 -13.90 14.65 7.53
CA ASN A 375 -14.25 15.83 8.34
C ASN A 375 -13.40 16.08 9.57
N HIS A 376 -12.63 15.08 10.00
CA HIS A 376 -11.81 15.26 11.20
C HIS A 376 -10.32 15.00 11.08
N ALA A 377 -9.90 14.43 9.96
CA ALA A 377 -8.49 14.12 9.76
C ALA A 377 -7.62 15.33 9.44
N ASP A 378 -6.36 15.26 9.87
CA ASP A 378 -5.39 16.31 9.61
C ASP A 378 -5.06 16.28 8.12
N GLU A 379 -4.66 17.42 7.56
CA GLU A 379 -4.35 17.48 6.14
C GLU A 379 -3.16 16.61 5.75
N ASP A 380 -2.31 16.27 6.70
CA ASP A 380 -1.14 15.44 6.40
C ASP A 380 -1.25 14.06 7.02
N ALA A 381 -2.47 13.63 7.31
CA ALA A 381 -2.72 12.33 7.92
C ALA A 381 -2.14 11.17 7.11
N ILE A 382 -1.69 10.14 7.83
CA ILE A 382 -1.14 8.95 7.21
C ILE A 382 -2.16 7.84 7.34
N TYR A 383 -2.39 7.12 6.24
CA TYR A 383 -3.36 6.04 6.23
C TYR A 383 -2.73 4.68 5.98
N SER A 384 -2.90 3.77 6.93
CA SER A 384 -2.40 2.41 6.82
C SER A 384 -3.68 1.62 6.55
N ILE A 385 -3.80 1.11 5.33
CA ILE A 385 -5.00 0.42 4.88
C ILE A 385 -4.88 -1.09 4.76
N ASP A 386 -5.83 -1.83 5.34
CA ASP A 386 -5.76 -3.28 5.21
C ASP A 386 -6.35 -3.73 3.88
N VAL A 387 -6.32 -5.04 3.62
CA VAL A 387 -6.74 -5.55 2.30
C VAL A 387 -8.18 -5.99 2.01
N GLY A 388 -9.10 -5.77 2.95
CA GLY A 388 -10.48 -6.16 2.72
C GLY A 388 -11.22 -5.28 1.73
N ASN A 389 -12.45 -5.67 1.40
CA ASN A 389 -13.26 -4.92 0.47
C ASN A 389 -13.62 -3.53 0.97
N SER A 390 -14.10 -3.45 2.20
CA SER A 390 -14.51 -2.17 2.79
C SER A 390 -13.35 -1.21 3.05
N THR A 391 -12.14 -1.73 3.14
CA THR A 391 -10.98 -0.87 3.37
C THR A 391 -10.33 -0.40 2.07
N GLN A 392 -10.25 -1.30 1.09
CA GLN A 392 -9.65 -0.89 -0.18
C GLN A 392 -10.55 0.14 -0.87
N THR A 393 -11.86 0.09 -0.60
CA THR A 393 -12.78 1.02 -1.23
C THR A 393 -12.57 2.44 -0.70
N SER A 394 -11.65 2.60 0.24
CA SER A 394 -11.36 3.91 0.81
C SER A 394 -10.90 4.91 -0.25
N ILE A 395 -10.30 4.41 -1.34
CA ILE A 395 -9.84 5.31 -2.40
C ILE A 395 -10.98 5.97 -3.15
N ARG A 396 -12.20 5.59 -2.84
CA ARG A 396 -13.37 6.20 -3.47
C ARG A 396 -13.87 7.34 -2.59
N HIS A 397 -13.42 7.36 -1.35
CA HIS A 397 -13.89 8.35 -0.39
C HIS A 397 -12.89 9.31 0.27
N LEU A 398 -11.70 8.82 0.61
CA LEU A 398 -10.72 9.69 1.26
C LEU A 398 -10.30 10.87 0.39
N HIS A 399 -10.39 12.07 0.95
CA HIS A 399 -10.02 13.28 0.23
C HIS A 399 -8.54 13.56 0.44
N MET A 400 -7.71 12.77 -0.24
CA MET A 400 -6.26 12.91 -0.10
C MET A 400 -5.58 13.86 -1.08
N THR A 401 -4.33 14.20 -0.74
CA THR A 401 -3.48 15.04 -1.55
C THR A 401 -2.08 14.52 -1.28
N PRO A 402 -1.06 15.01 -2.00
CA PRO A 402 0.30 14.53 -1.77
C PRO A 402 0.81 14.73 -0.33
N LYS A 403 0.06 15.48 0.46
CA LYS A 403 0.46 15.71 1.85
C LYS A 403 0.19 14.44 2.66
N ASN A 404 -0.67 13.57 2.15
CA ASN A 404 -1.00 12.31 2.81
C ASN A 404 -0.15 11.20 2.25
N MET A 405 -0.19 10.06 2.94
CA MET A 405 0.46 8.85 2.49
C MET A 405 -0.58 7.77 2.74
N TRP A 406 -0.77 6.93 1.73
CA TRP A 406 -1.73 5.84 1.78
C TRP A 406 -0.93 4.60 1.40
N ARG A 407 -0.85 3.62 2.29
CA ARG A 407 -0.09 2.39 1.99
C ARG A 407 -0.85 1.15 2.47
N THR A 408 -0.64 0.05 1.77
CA THR A 408 -1.30 -1.22 2.08
C THR A 408 -0.35 -2.34 1.65
N SER A 409 -0.90 -3.53 1.44
CA SER A 409 -0.16 -4.69 0.92
C SER A 409 -0.96 -4.83 -0.37
N PRO A 410 -0.55 -4.12 -1.42
CA PRO A 410 -1.21 -4.10 -2.73
C PRO A 410 -1.12 -5.27 -3.69
N LEU A 411 -0.05 -6.05 -3.61
CA LEU A 411 0.13 -7.14 -4.56
C LEU A 411 0.05 -8.53 -3.92
N PHE A 412 0.80 -8.73 -2.84
CA PHE A 412 0.76 -10.00 -2.13
C PHE A 412 -0.57 -10.00 -1.39
N ALA A 413 -0.99 -8.81 -0.97
CA ALA A 413 -2.26 -8.58 -0.28
C ALA A 413 -2.46 -9.39 1.00
N THR A 414 -1.49 -9.35 1.89
CA THR A 414 -1.62 -10.07 3.13
C THR A 414 -2.56 -9.33 4.08
N MET A 415 -3.50 -10.05 4.67
CA MET A 415 -4.43 -9.44 5.62
C MET A 415 -3.66 -9.16 6.91
N GLY A 416 -4.07 -8.12 7.62
CA GLY A 416 -3.41 -7.77 8.86
C GLY A 416 -2.24 -6.80 8.70
N ILE A 417 -2.14 -6.20 7.52
CA ILE A 417 -1.06 -5.26 7.24
C ILE A 417 -1.25 -3.89 7.88
N ALA A 418 -2.51 -3.55 8.20
CA ALA A 418 -2.82 -2.24 8.77
C ALA A 418 -2.17 -1.91 10.11
N ILE A 419 -2.37 -2.74 11.13
CA ILE A 419 -1.77 -2.45 12.43
C ILE A 419 -0.25 -2.34 12.33
N PRO A 420 0.41 -3.28 11.62
CA PRO A 420 1.86 -3.17 11.51
C PRO A 420 2.24 -1.86 10.79
N GLY A 421 1.46 -1.52 9.77
CA GLY A 421 1.71 -0.29 9.03
C GLY A 421 1.64 0.91 9.96
N GLY A 422 0.68 0.91 10.87
CA GLY A 422 0.53 2.02 11.80
C GLY A 422 1.74 2.15 12.70
N LEU A 423 2.32 1.03 13.08
CA LEU A 423 3.51 1.02 13.93
C LEU A 423 4.68 1.61 13.17
N GLY A 424 4.90 1.14 11.94
CA GLY A 424 5.99 1.66 11.14
C GLY A 424 5.85 3.14 10.89
N ALA A 425 4.62 3.58 10.62
CA ALA A 425 4.35 4.98 10.35
C ALA A 425 4.57 5.86 11.58
N LYS A 426 4.00 5.45 12.71
CA LYS A 426 4.13 6.23 13.93
C LYS A 426 5.56 6.25 14.45
N ASN A 427 6.31 5.18 14.19
CA ASN A 427 7.70 5.12 14.62
C ASN A 427 8.51 6.15 13.83
N THR A 428 8.16 6.33 12.57
CA THR A 428 8.83 7.25 11.68
C THR A 428 8.37 8.70 11.87
N TYR A 429 7.08 8.87 12.14
CA TYR A 429 6.49 10.20 12.30
C TYR A 429 5.69 10.26 13.61
N PRO A 430 6.40 10.33 14.75
CA PRO A 430 5.76 10.38 16.07
C PRO A 430 4.75 11.50 16.34
N ASP A 431 4.90 12.61 15.64
CA ASP A 431 4.00 13.76 15.83
C ASP A 431 2.92 13.85 14.76
N ARG A 432 2.81 12.82 13.94
CA ARG A 432 1.84 12.81 12.85
C ARG A 432 0.63 11.92 13.13
N GLN A 433 -0.53 12.33 12.61
CA GLN A 433 -1.76 11.57 12.81
C GLN A 433 -1.74 10.32 11.92
N VAL A 434 -1.91 9.17 12.55
CA VAL A 434 -1.88 7.89 11.85
C VAL A 434 -3.17 7.11 12.02
N TRP A 435 -3.75 6.68 10.91
CA TRP A 435 -4.99 5.92 10.90
C TRP A 435 -4.77 4.51 10.37
N ASN A 436 -5.39 3.54 11.03
CA ASN A 436 -5.34 2.15 10.56
C ASN A 436 -6.80 1.84 10.21
N ILE A 437 -7.08 1.57 8.94
CA ILE A 437 -8.44 1.26 8.53
C ILE A 437 -8.45 -0.23 8.23
N ILE A 438 -9.22 -0.95 9.06
CA ILE A 438 -9.26 -2.41 9.02
C ILE A 438 -10.64 -3.06 8.99
N GLY A 439 -10.74 -4.19 8.28
CA GLY A 439 -11.98 -4.92 8.23
C GLY A 439 -11.93 -5.92 9.39
N ASP A 440 -13.07 -6.41 9.83
CA ASP A 440 -13.11 -7.34 10.95
C ASP A 440 -12.24 -8.60 10.78
N GLY A 441 -12.20 -9.14 9.57
CA GLY A 441 -11.39 -10.33 9.33
C GLY A 441 -9.92 -10.03 9.54
N ALA A 442 -9.44 -8.96 8.93
CA ALA A 442 -8.03 -8.59 9.07
C ALA A 442 -7.72 -8.20 10.51
N PHE A 443 -8.63 -7.47 11.14
CA PHE A 443 -8.42 -7.06 12.52
C PHE A 443 -8.27 -8.30 13.40
N SER A 444 -9.10 -9.31 13.14
CA SER A 444 -9.06 -10.54 13.94
C SER A 444 -7.75 -11.31 13.84
N MET A 445 -6.95 -11.00 12.83
CA MET A 445 -5.67 -11.68 12.66
C MET A 445 -4.56 -10.91 13.35
N THR A 446 -4.84 -9.66 13.76
CA THR A 446 -3.82 -8.84 14.36
C THR A 446 -4.18 -7.97 15.56
N TYR A 447 -5.42 -8.01 16.03
CA TYR A 447 -5.74 -7.13 17.15
C TYR A 447 -4.98 -7.31 18.47
N PRO A 448 -4.33 -8.47 18.67
CA PRO A 448 -3.60 -8.56 19.93
C PRO A 448 -2.47 -7.53 19.95
N ASP A 449 -2.03 -7.09 18.78
CA ASP A 449 -0.94 -6.11 18.72
C ASP A 449 -1.37 -4.67 18.92
N VAL A 450 -2.64 -4.46 19.25
CA VAL A 450 -3.11 -3.12 19.53
C VAL A 450 -2.36 -2.70 20.79
N VAL A 451 -2.08 -3.67 21.66
CA VAL A 451 -1.39 -3.40 22.91
C VAL A 451 0.02 -2.88 22.65
N THR A 452 0.58 -3.18 21.48
CA THR A 452 1.92 -2.72 21.16
C THR A 452 1.93 -1.20 21.01
N ASN A 453 0.87 -0.65 20.40
CA ASN A 453 0.77 0.79 20.25
C ASN A 453 0.62 1.43 21.62
N VAL A 454 -0.13 0.75 22.48
CA VAL A 454 -0.35 1.25 23.84
C VAL A 454 0.95 1.26 24.63
N ARG A 455 1.62 0.12 24.67
CA ARG A 455 2.87 -0.02 25.42
C ARG A 455 3.98 0.95 25.05
N TYR A 456 4.14 1.21 23.75
CA TYR A 456 5.20 2.11 23.30
C TYR A 456 4.77 3.54 23.07
N ASN A 457 3.58 3.89 23.53
CA ASN A 457 3.05 5.24 23.39
C ASN A 457 3.18 5.77 21.95
N MET A 458 2.62 4.99 21.02
CA MET A 458 2.60 5.32 19.61
C MET A 458 1.12 5.30 19.25
N PRO A 459 0.38 6.33 19.69
CA PRO A 459 -1.06 6.50 19.49
C PRO A 459 -1.53 6.52 18.04
N VAL A 460 -2.42 5.60 17.72
CA VAL A 460 -2.99 5.51 16.37
C VAL A 460 -4.51 5.37 16.49
N ILE A 461 -5.20 5.68 15.40
CA ILE A 461 -6.66 5.56 15.39
C ILE A 461 -7.04 4.34 14.54
N ASN A 462 -7.53 3.29 15.20
CA ASN A 462 -7.94 2.08 14.50
C ASN A 462 -9.42 2.17 14.17
N VAL A 463 -9.74 2.18 12.88
CA VAL A 463 -11.13 2.23 12.43
C VAL A 463 -11.45 0.83 11.92
N VAL A 464 -12.31 0.13 12.66
CA VAL A 464 -12.66 -1.25 12.31
C VAL A 464 -14.07 -1.41 11.76
N PHE A 465 -14.17 -2.03 10.59
CA PHE A 465 -15.46 -2.27 9.95
C PHE A 465 -15.95 -3.66 10.30
N SER A 466 -17.02 -3.75 11.08
CA SER A 466 -17.58 -5.04 11.47
C SER A 466 -18.93 -5.22 10.80
N ASN A 467 -19.03 -6.20 9.91
CA ASN A 467 -20.28 -6.45 9.20
C ASN A 467 -20.76 -7.89 9.37
N THR A 468 -20.12 -8.62 10.28
CA THR A 468 -20.47 -10.01 10.53
C THR A 468 -20.26 -10.86 9.28
N GLU A 469 -19.77 -10.22 8.21
CA GLU A 469 -19.51 -10.92 6.95
C GLU A 469 -18.19 -10.47 6.32
N TYR A 470 -18.00 -10.84 5.06
CA TYR A 470 -16.80 -10.50 4.33
C TYR A 470 -17.18 -10.01 2.93
N ALA A 471 -17.31 -8.70 2.79
CA ALA A 471 -17.69 -8.09 1.51
C ALA A 471 -16.83 -8.59 0.36
N PHE A 472 -15.52 -8.49 0.49
CA PHE A 472 -14.59 -8.92 -0.54
C PHE A 472 -14.88 -10.35 -0.98
N ILE A 473 -14.90 -11.27 -0.02
CA ILE A 473 -15.17 -12.67 -0.31
C ILE A 473 -16.60 -12.84 -0.79
N LYS A 474 -17.46 -11.89 -0.42
CA LYS A 474 -18.86 -11.93 -0.83
C LYS A 474 -19.00 -11.44 -2.26
N ASN A 475 -17.86 -11.13 -2.89
CA ASN A 475 -17.85 -10.66 -4.26
C ASN A 475 -17.36 -11.76 -5.20
N LYS A 476 -16.63 -12.72 -4.63
CA LYS A 476 -16.10 -13.83 -5.40
C LYS A 476 -16.99 -15.07 -5.30
N TYR A 477 -18.25 -14.85 -4.95
CA TYR A 477 -19.21 -15.94 -4.83
C TYR A 477 -20.42 -15.68 -5.72
N GLU A 478 -20.30 -14.67 -6.59
CA GLU A 478 -21.37 -14.32 -7.50
C GLU A 478 -20.79 -13.95 -8.86
N ASP A 479 -19.69 -14.59 -9.21
CA ASP A 479 -19.02 -14.33 -10.50
C ASP A 479 -18.34 -15.59 -11.04
N THR A 480 -18.21 -16.61 -10.19
CA THR A 480 -17.58 -17.86 -10.58
C THR A 480 -18.25 -19.06 -9.92
N ASN A 481 -18.91 -18.82 -8.79
CA ASN A 481 -19.59 -19.87 -8.06
C ASN A 481 -21.04 -20.02 -8.50
N LYS A 482 -21.79 -20.84 -7.77
CA LYS A 482 -23.20 -21.08 -8.09
C LYS A 482 -24.01 -21.32 -6.81
N ASN A 483 -23.39 -21.99 -5.85
CA ASN A 483 -24.04 -22.30 -4.58
C ASN A 483 -24.21 -21.08 -3.69
N LEU A 484 -24.92 -21.26 -2.58
CA LEU A 484 -25.16 -20.18 -1.63
C LEU A 484 -23.86 -19.65 -1.03
N PHE A 485 -23.94 -18.53 -0.34
CA PHE A 485 -22.78 -17.91 0.28
C PHE A 485 -22.43 -18.62 1.58
N GLY A 486 -22.20 -17.87 2.64
CA GLY A 486 -21.86 -18.45 3.92
C GLY A 486 -20.61 -17.86 4.54
N VAL A 487 -20.68 -16.59 4.92
CA VAL A 487 -19.55 -15.90 5.52
C VAL A 487 -19.99 -15.03 6.69
N ASP A 488 -20.96 -15.52 7.46
CA ASP A 488 -21.47 -14.78 8.61
C ASP A 488 -20.98 -15.39 9.92
N PHE A 489 -20.38 -14.56 10.77
CA PHE A 489 -19.86 -15.02 12.05
C PHE A 489 -20.61 -14.40 13.24
N THR A 490 -19.95 -14.36 14.39
CA THR A 490 -20.55 -13.81 15.61
C THR A 490 -20.41 -12.29 15.70
N ASP A 491 -20.55 -11.75 16.91
CA ASP A 491 -20.47 -10.31 17.14
C ASP A 491 -19.48 -9.99 18.26
N VAL A 492 -18.19 -10.00 17.95
CA VAL A 492 -17.16 -9.71 18.93
C VAL A 492 -17.12 -8.23 19.27
N ASP A 493 -17.10 -7.92 20.57
CA ASP A 493 -17.07 -6.54 21.02
C ASP A 493 -15.64 -6.00 20.99
N TYR A 494 -15.24 -5.45 19.84
CA TYR A 494 -13.87 -4.94 19.70
C TYR A 494 -13.56 -3.76 20.62
N ALA A 495 -14.57 -2.96 20.94
CA ALA A 495 -14.37 -1.81 21.82
C ALA A 495 -13.98 -2.29 23.21
N LYS A 496 -14.64 -3.36 23.66
CA LYS A 496 -14.36 -3.94 24.97
C LYS A 496 -12.96 -4.53 25.01
N ILE A 497 -12.56 -5.17 23.92
CA ILE A 497 -11.24 -5.76 23.82
C ILE A 497 -10.20 -4.65 23.90
N ALA A 498 -10.46 -3.56 23.19
CA ALA A 498 -9.54 -2.42 23.19
C ALA A 498 -9.34 -1.91 24.61
N GLU A 499 -10.43 -1.75 25.35
CA GLU A 499 -10.35 -1.28 26.73
C GLU A 499 -9.50 -2.23 27.57
N ALA A 500 -9.66 -3.53 27.33
CA ALA A 500 -8.92 -4.55 28.05
C ALA A 500 -7.42 -4.48 27.75
N GLN A 501 -7.08 -3.87 26.61
CA GLN A 501 -5.68 -3.74 26.19
C GLN A 501 -5.05 -2.40 26.57
N GLY A 502 -5.84 -1.53 27.22
CA GLY A 502 -5.31 -0.24 27.60
C GLY A 502 -5.59 0.83 26.56
N ALA A 503 -6.38 0.48 25.54
CA ALA A 503 -6.72 1.43 24.50
C ALA A 503 -8.11 1.97 24.80
N LYS A 504 -8.55 2.94 24.01
CA LYS A 504 -9.87 3.53 24.18
C LYS A 504 -10.79 3.00 23.10
N GLY A 505 -11.89 2.37 23.53
CA GLY A 505 -12.81 1.82 22.56
C GLY A 505 -14.12 2.57 22.39
N PHE A 506 -14.60 2.61 21.15
CA PHE A 506 -15.86 3.25 20.80
C PHE A 506 -16.66 2.28 19.95
N THR A 507 -17.97 2.37 20.04
CA THR A 507 -18.86 1.51 19.26
C THR A 507 -19.89 2.43 18.62
N VAL A 508 -20.11 2.26 17.33
CA VAL A 508 -21.08 3.09 16.61
C VAL A 508 -21.78 2.28 15.54
N SER A 509 -23.09 2.49 15.39
CA SER A 509 -23.87 1.75 14.41
C SER A 509 -24.91 2.60 13.70
N ARG A 510 -24.95 3.89 14.03
CA ARG A 510 -25.92 4.81 13.43
C ARG A 510 -25.22 6.00 12.78
N ILE A 511 -25.70 6.38 11.61
CA ILE A 511 -25.14 7.50 10.86
C ILE A 511 -25.17 8.80 11.67
N GLU A 512 -26.26 9.02 12.41
CA GLU A 512 -26.40 10.24 13.19
C GLU A 512 -25.46 10.33 14.40
N ASP A 513 -24.77 9.24 14.72
CA ASP A 513 -23.86 9.24 15.86
C ASP A 513 -22.40 9.25 15.41
N MET A 514 -22.18 9.01 14.12
CA MET A 514 -20.83 8.93 13.56
C MET A 514 -19.92 10.15 13.75
N ASP A 515 -20.44 11.35 13.46
CA ASP A 515 -19.61 12.54 13.61
C ASP A 515 -19.14 12.75 15.05
N ARG A 516 -20.04 12.59 16.00
CA ARG A 516 -19.68 12.76 17.41
C ARG A 516 -18.66 11.73 17.86
N VAL A 517 -18.90 10.47 17.51
CA VAL A 517 -17.98 9.40 17.89
C VAL A 517 -16.59 9.65 17.29
N MET A 518 -16.54 10.06 16.03
CA MET A 518 -15.26 10.33 15.38
C MET A 518 -14.54 11.48 16.08
N ALA A 519 -15.29 12.53 16.41
CA ALA A 519 -14.71 13.68 17.09
C ALA A 519 -14.11 13.26 18.42
N GLU A 520 -14.83 12.42 19.16
CA GLU A 520 -14.35 11.95 20.45
C GLU A 520 -13.13 11.06 20.27
N ALA A 521 -13.14 10.24 19.23
CA ALA A 521 -12.02 9.34 18.96
C ALA A 521 -10.75 10.14 18.65
N VAL A 522 -10.89 11.15 17.81
CA VAL A 522 -9.76 11.99 17.45
C VAL A 522 -9.22 12.74 18.66
N ALA A 523 -10.12 13.28 19.47
CA ALA A 523 -9.70 14.01 20.67
C ALA A 523 -8.96 13.09 21.63
N ALA A 524 -9.42 11.85 21.74
CA ALA A 524 -8.77 10.89 22.61
C ALA A 524 -7.36 10.57 22.11
N ASN A 525 -7.23 10.47 20.78
CA ASN A 525 -5.95 10.18 20.17
C ASN A 525 -4.98 11.33 20.44
N LYS A 526 -5.51 12.56 20.45
CA LYS A 526 -4.69 13.73 20.71
C LYS A 526 -4.30 13.82 22.18
N ALA A 527 -4.96 13.01 23.01
CA ALA A 527 -4.67 12.97 24.44
C ALA A 527 -3.65 11.85 24.66
N GLY A 528 -3.13 11.32 23.56
CA GLY A 528 -2.14 10.26 23.63
C GLY A 528 -2.65 8.83 23.70
N HIS A 529 -3.94 8.63 23.45
CA HIS A 529 -4.51 7.28 23.51
C HIS A 529 -4.64 6.60 22.15
N THR A 530 -4.41 5.29 22.12
CA THR A 530 -4.62 4.53 20.90
C THR A 530 -6.11 4.25 20.97
N VAL A 531 -6.80 4.38 19.84
CA VAL A 531 -8.24 4.16 19.86
C VAL A 531 -8.68 3.10 18.88
N VAL A 532 -9.82 2.49 19.18
CA VAL A 532 -10.40 1.48 18.32
C VAL A 532 -11.86 1.84 18.17
N ILE A 533 -12.26 2.18 16.95
CA ILE A 533 -13.64 2.53 16.67
C ILE A 533 -14.28 1.32 16.01
N ASP A 534 -15.15 0.64 16.75
CA ASP A 534 -15.84 -0.54 16.23
C ASP A 534 -17.06 -0.02 15.49
N CYS A 535 -16.96 0.02 14.16
CA CYS A 535 -18.05 0.49 13.34
C CYS A 535 -18.93 -0.68 12.91
N LYS A 536 -20.11 -0.79 13.52
CA LYS A 536 -21.03 -1.85 13.19
C LYS A 536 -21.82 -1.41 11.97
N ILE A 537 -21.33 -1.79 10.78
CA ILE A 537 -21.97 -1.39 9.54
C ILE A 537 -22.88 -2.44 8.93
N THR A 538 -23.59 -2.04 7.90
CA THR A 538 -24.52 -2.90 7.17
C THR A 538 -23.74 -3.87 6.29
N GLN A 539 -24.46 -4.75 5.60
CA GLN A 539 -23.82 -5.72 4.72
C GLN A 539 -23.75 -5.20 3.28
N ASP A 540 -24.00 -3.90 3.11
CA ASP A 540 -23.96 -3.29 1.79
C ASP A 540 -22.57 -3.42 1.17
N ARG A 541 -22.55 -3.73 -0.12
CA ARG A 541 -21.31 -3.90 -0.87
C ARG A 541 -21.05 -2.69 -1.76
N PRO A 542 -19.77 -2.29 -1.91
CA PRO A 542 -19.47 -1.13 -2.76
C PRO A 542 -19.92 -1.47 -4.19
N ILE A 543 -20.49 -0.49 -4.89
CA ILE A 543 -20.95 -0.73 -6.25
C ILE A 543 -19.82 -1.32 -7.10
N PRO A 544 -20.10 -2.43 -7.81
CA PRO A 544 -19.10 -3.08 -8.65
C PRO A 544 -18.87 -2.33 -9.96
N VAL A 545 -17.83 -1.50 -9.99
CA VAL A 545 -17.51 -0.70 -11.17
C VAL A 545 -16.84 -1.49 -12.29
N GLU A 546 -16.54 -2.75 -12.04
CA GLU A 546 -15.91 -3.60 -13.05
C GLU A 546 -17.02 -4.22 -13.89
N THR A 547 -18.23 -4.14 -13.37
CA THR A 547 -19.40 -4.68 -14.06
C THR A 547 -20.52 -3.64 -13.94
N LEU A 548 -20.37 -2.56 -14.69
CA LEU A 548 -21.33 -1.47 -14.69
C LEU A 548 -22.55 -1.83 -15.52
N LYS A 549 -23.66 -2.10 -14.83
CA LYS A 549 -24.89 -2.44 -15.53
C LYS A 549 -25.75 -1.19 -15.64
N LEU A 550 -25.33 -0.28 -16.53
CA LEU A 550 -26.04 0.98 -16.73
C LEU A 550 -26.36 1.30 -18.19
N ASP A 551 -25.49 0.89 -19.11
CA ASP A 551 -25.73 1.15 -20.52
C ASP A 551 -26.79 0.22 -21.09
N SER A 552 -27.87 0.81 -21.61
CA SER A 552 -28.98 0.04 -22.17
C SER A 552 -28.61 -0.78 -23.42
N LYS A 553 -27.38 -0.63 -23.89
CA LYS A 553 -26.92 -1.39 -25.05
C LYS A 553 -26.00 -2.52 -24.63
N LEU A 554 -25.71 -2.59 -23.32
CA LEU A 554 -24.85 -3.63 -22.78
C LEU A 554 -25.62 -4.54 -21.83
N TYR A 555 -26.66 -4.00 -21.21
CA TYR A 555 -27.48 -4.78 -20.28
C TYR A 555 -28.97 -4.51 -20.46
N SER A 556 -29.79 -5.42 -19.96
CA SER A 556 -31.25 -5.30 -20.08
C SER A 556 -31.82 -4.30 -19.08
N GLU A 557 -33.04 -3.84 -19.35
CA GLU A 557 -33.70 -2.88 -18.47
C GLU A 557 -33.79 -3.44 -17.06
N ASP A 558 -34.24 -4.70 -16.94
CA ASP A 558 -34.36 -5.34 -15.64
C ASP A 558 -33.03 -5.37 -14.90
N GLU A 559 -31.94 -5.63 -15.62
CA GLU A 559 -30.62 -5.67 -15.01
C GLU A 559 -30.22 -4.30 -14.52
N ILE A 560 -30.46 -3.28 -15.34
CA ILE A 560 -30.12 -1.91 -14.99
C ILE A 560 -30.99 -1.45 -13.82
N LYS A 561 -32.25 -1.86 -13.82
CA LYS A 561 -33.18 -1.50 -12.74
C LYS A 561 -32.70 -2.07 -11.42
N ALA A 562 -32.41 -3.36 -11.42
CA ALA A 562 -31.95 -4.05 -10.21
C ALA A 562 -30.60 -3.49 -9.74
N TYR A 563 -29.74 -3.18 -10.69
CA TYR A 563 -28.41 -2.64 -10.39
C TYR A 563 -28.52 -1.29 -9.69
N LYS A 564 -29.36 -0.41 -10.24
CA LYS A 564 -29.57 0.91 -9.66
C LYS A 564 -30.20 0.83 -8.28
N GLU A 565 -31.15 -0.06 -8.12
CA GLU A 565 -31.84 -0.22 -6.84
C GLU A 565 -30.91 -0.73 -5.74
N ARG A 566 -30.16 -1.79 -6.06
CA ARG A 566 -29.25 -2.39 -5.09
C ARG A 566 -28.15 -1.46 -4.59
N TYR A 567 -27.55 -0.70 -5.49
CA TYR A 567 -26.45 0.20 -5.12
C TYR A 567 -26.81 1.67 -5.00
N GLU A 568 -28.12 1.96 -4.90
CA GLU A 568 -28.60 3.32 -4.76
C GLU A 568 -28.01 4.20 -5.87
N ALA A 569 -27.88 3.62 -7.07
CA ALA A 569 -27.27 4.33 -8.19
C ALA A 569 -28.24 4.83 -9.26
N ALA A 570 -29.45 5.16 -8.86
CA ALA A 570 -30.44 5.64 -9.81
C ALA A 570 -29.90 6.77 -10.68
N ASN A 571 -29.12 7.68 -10.10
CA ASN A 571 -28.59 8.80 -10.85
C ASN A 571 -27.31 8.62 -11.63
N LEU A 572 -26.71 7.42 -11.59
CA LEU A 572 -25.50 7.21 -12.37
C LEU A 572 -25.88 7.11 -13.84
N VAL A 573 -25.09 7.76 -14.68
CA VAL A 573 -25.32 7.79 -16.13
C VAL A 573 -24.17 7.12 -16.88
N PRO A 574 -24.47 6.17 -17.77
CA PRO A 574 -23.39 5.50 -18.51
C PRO A 574 -22.59 6.51 -19.35
N PHE A 575 -21.28 6.32 -19.39
CA PHE A 575 -20.39 7.21 -20.12
C PHE A 575 -20.79 7.46 -21.57
N ARG A 576 -21.35 6.46 -22.24
CA ARG A 576 -21.74 6.64 -23.64
C ARG A 576 -22.69 7.82 -23.81
N GLU A 577 -23.57 8.04 -22.84
CA GLU A 577 -24.51 9.16 -22.94
C GLU A 577 -23.75 10.47 -22.97
N TYR A 578 -22.73 10.60 -22.14
CA TYR A 578 -21.94 11.82 -22.10
C TYR A 578 -21.13 11.97 -23.38
N LEU A 579 -20.65 10.86 -23.94
CA LEU A 579 -19.88 10.92 -25.18
C LEU A 579 -20.76 11.44 -26.31
N GLU A 580 -21.93 10.85 -26.47
CA GLU A 580 -22.86 11.24 -27.52
C GLU A 580 -23.36 12.66 -27.36
N ALA A 581 -23.48 13.13 -26.12
CA ALA A 581 -23.93 14.50 -25.87
C ALA A 581 -22.92 15.50 -26.42
N GLU A 582 -21.66 15.09 -26.53
CA GLU A 582 -20.61 15.95 -27.03
C GLU A 582 -20.30 15.67 -28.51
N GLY A 583 -21.17 14.90 -29.14
CA GLY A 583 -21.00 14.59 -30.56
C GLY A 583 -20.09 13.42 -30.88
N LEU A 584 -19.70 12.66 -29.87
CA LEU A 584 -18.83 11.51 -30.06
C LEU A 584 -19.63 10.20 -30.05
N GLU A 585 -18.97 9.11 -30.42
CA GLU A 585 -19.63 7.80 -30.45
C GLU A 585 -18.74 6.77 -29.75
N SER A 586 -19.35 5.79 -29.09
CA SER A 586 -18.58 4.77 -28.41
C SER A 586 -17.76 4.01 -29.46
N LYS A 587 -16.52 3.66 -29.12
CA LYS A 587 -15.68 2.94 -30.07
C LYS A 587 -15.86 1.43 -29.95
N TYR A 588 -16.64 0.98 -28.97
CA TYR A 588 -16.83 -0.46 -28.79
C TYR A 588 -18.27 -0.91 -28.56
N ILE A 589 -19.10 -0.02 -28.00
CA ILE A 589 -20.48 -0.36 -27.74
C ILE A 589 -21.31 -0.29 -29.02
N LYS A 590 -21.79 -1.44 -29.46
CA LYS A 590 -22.59 -1.56 -30.68
C LYS A 590 -21.69 -1.39 -31.90
S SO4 B . 24.95 -17.57 -2.40
O1 SO4 B . 26.05 -18.47 -2.73
O2 SO4 B . 23.67 -18.14 -2.86
O3 SO4 B . 25.16 -16.27 -3.05
O4 SO4 B . 24.88 -17.37 -0.92
S SO4 C . -7.39 23.03 -30.35
O1 SO4 C . -7.05 21.67 -30.73
O2 SO4 C . -7.66 23.85 -31.55
O3 SO4 C . -6.28 23.62 -29.60
O4 SO4 C . -8.61 23.03 -29.50
S SO4 D . -16.06 9.82 -32.89
O1 SO4 D . -15.93 8.60 -33.69
O2 SO4 D . -17.21 10.62 -33.35
O3 SO4 D . -14.83 10.61 -32.99
O4 SO4 D . -16.29 9.46 -31.46
S SO4 E . -12.12 -8.12 5.97
O1 SO4 E . -10.90 -7.75 6.66
O2 SO4 E . -11.82 -9.07 4.87
O3 SO4 E . -12.76 -6.93 5.42
O4 SO4 E . -13.06 -8.79 6.91
PA FAD F . 3.66 -0.77 -9.02
O1A FAD F . 4.46 -0.69 -7.77
O2A FAD F . 3.00 -2.04 -9.40
O5B FAD F . 4.61 -0.39 -10.25
C5B FAD F . 5.20 0.91 -10.31
C4B FAD F . 6.06 1.03 -11.54
O4B FAD F . 6.71 2.34 -11.53
C3B FAD F . 7.19 0.00 -11.65
O3B FAD F . 7.17 -0.62 -12.92
C2B FAD F . 8.46 0.82 -11.37
O2B FAD F . 9.62 0.30 -11.98
C1B FAD F . 8.06 2.19 -11.89
N9A FAD F . 8.80 3.32 -11.30
C8A FAD F . 9.22 3.49 -10.01
N7A FAD F . 9.85 4.62 -9.79
C5A FAD F . 9.84 5.24 -11.04
C6A FAD F . 10.35 6.49 -11.49
N6A FAD F . 10.98 7.36 -10.70
N1A FAD F . 10.17 6.80 -12.81
C2A FAD F . 9.52 5.92 -13.61
N3A FAD F . 8.99 4.72 -13.29
C4A FAD F . 9.19 4.45 -11.98
N1 FAD F . -5.30 -1.60 -8.13
C2 FAD F . -6.05 -1.08 -9.14
O2 FAD F . -5.60 -0.26 -9.90
N3 FAD F . -7.37 -1.51 -9.28
C4 FAD F . -7.97 -2.42 -8.45
O4 FAD F . -9.16 -2.76 -8.64
C4X FAD F . -7.20 -2.94 -7.38
N5 FAD F . -7.75 -3.82 -6.47
C5X FAD F . -6.99 -4.29 -5.42
C6 FAD F . -7.57 -5.15 -4.50
C7 FAD F . -6.86 -5.64 -3.40
C7M FAD F . -7.54 -6.56 -2.41
C8 FAD F . -5.49 -5.25 -3.25
C8M FAD F . -4.67 -5.73 -2.09
C9 FAD F . -4.90 -4.38 -4.19
C9A FAD F . -5.63 -3.89 -5.29
N10 FAD F . -5.07 -3.00 -6.24
C10 FAD F . -5.86 -2.50 -7.27
C1' FAD F . -3.63 -2.57 -6.19
C2' FAD F . -2.98 -3.38 -7.33
O2' FAD F . -2.94 -4.75 -6.99
C3' FAD F . -1.55 -2.92 -7.64
O3' FAD F . -0.70 -3.07 -6.52
C4' FAD F . -1.38 -1.45 -8.04
O4' FAD F . -2.38 -1.10 -9.01
C5' FAD F . 0.02 -1.26 -8.62
O5' FAD F . 0.12 0.14 -8.85
P FAD F . 1.27 0.89 -9.64
O1P FAD F . 1.25 0.42 -11.04
O2P FAD F . 1.15 2.34 -9.33
O3P FAD F . 2.68 0.51 -9.03
#